data_8I0A
#
_entry.id   8I0A
#
_cell.length_a   134.935
_cell.length_b   134.935
_cell.length_c   175.561
_cell.angle_alpha   90.00
_cell.angle_beta   90.00
_cell.angle_gamma   120.00
#
_symmetry.space_group_name_H-M   'P 63 2 2'
#
loop_
_entity.id
_entity.type
_entity.pdbx_description
1 polymer alpha-L-arabinofuranosidase
2 water water
#
_entity_poly.entity_id   1
_entity_poly.type   'polypeptide(L)'
_entity_poly.pdbx_seq_one_letter_code
;MSVPADTTSPSPALDVFPSASIAPVSPYIFSGFLEHLGRCIYGGILPATRTTFPHTPRVPCPDAQFTETPRELLTPEGFR
VDVLEVLRDELRVPLVRWPGGNYVSSYNWKDGVGPKEARKRRPELAWGGEESNVFGTDEFIAWCRVAKIEPYIVFNMGTG
TLEDALHWIEYCNGTGDTYYANLRRQNTGRDEPHNVKYWALGNEVWGEWQVGQQTASAYATKARQWAHAIRLVDPSVVLV
GCGETGVDHWDGVVLDELVDKVELHSIHLYTGFGPRDRSQVDKEYGRGVYGPDAAEYSIEVCKGLINKARFARNVSKPIK
IAFDEYGVWDETVGTPQNGLEQFYNFADALAMASWLNVFIRQADVVDIACIAQSVNVISPLITSPTGLFRQTIYWPLYLF
SRYMRDGIAVRVALESPTFAGETLPQWIASVKGRPKDLDASAVLHVDPGTSARSLRVAVVNRSEHASYEVPIRIAFERVG
VQVEVHELWHQDVHARNGWGKEDEVSVKTRTERWNGRWTFREHSFTLLVLELPQ
;
_entity_poly.pdbx_strand_id   A
#
# COMPACT_ATOMS: atom_id res chain seq x y z
N SER A 11 14.07 8.03 -30.32
CA SER A 11 12.67 8.31 -30.70
C SER A 11 11.67 7.33 -30.04
N PRO A 12 10.67 7.87 -29.33
CA PRO A 12 9.84 7.00 -28.49
C PRO A 12 9.03 5.98 -29.27
N ALA A 13 8.84 4.82 -28.65
CA ALA A 13 8.13 3.70 -29.25
C ALA A 13 7.75 2.73 -28.15
N LEU A 14 6.56 2.12 -28.28
CA LEU A 14 6.05 1.20 -27.27
C LEU A 14 5.51 -0.03 -27.99
N ASP A 15 6.15 -1.17 -27.77
CA ASP A 15 5.64 -2.45 -28.24
C ASP A 15 5.07 -3.20 -27.04
N VAL A 16 3.96 -3.91 -27.25
CA VAL A 16 3.34 -4.73 -26.22
C VAL A 16 3.23 -6.16 -26.74
N PHE A 17 3.56 -7.14 -25.89
CA PHE A 17 3.61 -8.55 -26.27
C PHE A 17 2.63 -9.37 -25.45
N PRO A 18 1.37 -9.45 -25.88
CA PRO A 18 0.35 -10.16 -25.08
C PRO A 18 0.61 -11.65 -24.94
N SER A 19 1.43 -12.25 -25.80
CA SER A 19 1.78 -13.66 -25.71
C SER A 19 2.93 -13.93 -24.75
N ALA A 20 3.59 -12.88 -24.24
CA ALA A 20 4.75 -13.02 -23.33
C ALA A 20 4.24 -12.64 -21.93
N SER A 21 3.70 -13.61 -21.25
CA SER A 21 3.09 -13.40 -19.97
C SER A 21 4.15 -13.22 -18.88
N ILE A 22 3.94 -12.23 -18.00
CA ILE A 22 4.72 -12.10 -16.78
C ILE A 22 4.12 -12.96 -15.66
N ALA A 23 2.93 -12.60 -15.20
CA ALA A 23 2.19 -13.37 -14.21
C ALA A 23 0.80 -12.78 -14.10
N PRO A 24 -0.16 -13.54 -13.53
CA PRO A 24 -1.45 -12.92 -13.18
C PRO A 24 -1.22 -11.78 -12.20
N VAL A 25 -2.00 -10.71 -12.35
CA VAL A 25 -1.92 -9.61 -11.38
C VAL A 25 -2.57 -10.05 -10.09
N SER A 26 -1.82 -10.05 -9.01
CA SER A 26 -2.42 -10.37 -7.72
C SER A 26 -3.38 -9.25 -7.30
N PRO A 27 -4.63 -9.57 -6.90
CA PRO A 27 -5.51 -8.48 -6.41
C PRO A 27 -4.93 -7.73 -5.21
N TYR A 28 -4.07 -8.38 -4.40
CA TYR A 28 -3.52 -7.77 -3.19
C TYR A 28 -2.46 -6.72 -3.47
N ILE A 29 -2.08 -6.51 -4.73
CA ILE A 29 -1.36 -5.29 -5.07
C ILE A 29 -2.14 -4.03 -4.68
N PHE A 30 -3.48 -4.10 -4.57
CA PHE A 30 -4.28 -2.92 -4.29
C PHE A 30 -4.69 -2.83 -2.81
N SER A 31 -3.83 -3.30 -1.93
CA SER A 31 -4.14 -3.42 -0.53
C SER A 31 -3.91 -2.10 0.20
N GLY A 32 -4.40 -2.06 1.44
CA GLY A 32 -4.36 -0.86 2.24
C GLY A 32 -3.63 -1.11 3.56
N PHE A 33 -3.59 -0.06 4.37
CA PHE A 33 -2.81 -0.07 5.61
C PHE A 33 -3.39 0.98 6.54
N LEU A 34 -3.66 0.58 7.80
CA LEU A 34 -4.17 1.46 8.85
C LEU A 34 -3.27 1.35 10.08
N GLU A 35 -2.76 2.47 10.55
CA GLU A 35 -1.97 2.55 11.75
C GLU A 35 -2.71 3.38 12.78
N HIS A 36 -2.47 3.09 14.08
CA HIS A 36 -3.02 3.90 15.17
C HIS A 36 -2.13 5.13 15.35
N LEU A 37 -2.35 6.10 14.45
CA LEU A 37 -1.51 7.28 14.32
C LEU A 37 -2.40 8.42 13.85
N GLY A 38 -2.27 9.57 14.49
CA GLY A 38 -3.02 10.73 14.05
C GLY A 38 -4.51 10.41 13.95
N ARG A 39 -5.10 10.70 12.80
CA ARG A 39 -6.54 10.55 12.61
C ARG A 39 -6.88 9.35 11.72
N CYS A 40 -5.95 8.39 11.62
CA CYS A 40 -6.20 7.25 10.75
C CYS A 40 -7.39 6.44 11.23
N ILE A 41 -7.41 6.11 12.53
CA ILE A 41 -8.50 5.37 13.15
C ILE A 41 -9.54 6.32 13.73
N TYR A 42 -9.20 6.97 14.84
CA TYR A 42 -10.09 7.93 15.48
C TYR A 42 -10.07 9.23 14.69
N GLY A 43 -11.20 9.54 14.06
CA GLY A 43 -11.32 10.64 13.13
C GLY A 43 -11.18 10.22 11.69
N GLY A 44 -10.95 8.92 11.44
CA GLY A 44 -10.79 8.37 10.10
C GLY A 44 -11.82 7.29 9.82
N ILE A 45 -11.48 6.01 10.06
CA ILE A 45 -12.50 4.98 9.84
C ILE A 45 -13.56 5.04 10.95
N LEU A 46 -13.21 5.56 12.11
CA LEU A 46 -14.12 5.80 13.23
C LEU A 46 -14.33 7.29 13.43
N PRO A 47 -15.43 7.68 14.08
CA PRO A 47 -15.69 9.12 14.28
C PRO A 47 -14.65 9.76 15.20
N ALA A 48 -14.44 11.06 14.98
CA ALA A 48 -13.75 11.92 15.91
C ALA A 48 -14.51 12.06 17.23
N THR A 49 -13.77 12.29 18.32
CA THR A 49 -14.33 12.68 19.62
C THR A 49 -13.59 13.93 20.09
N ARG A 50 -14.14 14.57 21.12
CA ARG A 50 -13.41 15.64 21.81
C ARG A 50 -12.07 15.19 22.39
N THR A 51 -11.69 13.91 22.19
CA THR A 51 -10.38 13.41 22.58
C THR A 51 -9.66 12.57 21.51
N THR A 52 -10.19 12.46 20.30
CA THR A 52 -9.38 12.13 19.13
C THR A 52 -8.14 12.99 19.15
N PHE A 53 -7.18 12.41 18.50
CA PHE A 53 -5.98 13.11 18.10
C PHE A 53 -6.47 14.35 17.24
N PRO A 54 -5.89 15.56 17.34
CA PRO A 54 -4.89 16.00 18.31
C PRO A 54 -5.31 16.47 19.76
N HIS A 55 -6.52 16.16 20.25
CA HIS A 55 -6.94 16.37 21.64
C HIS A 55 -6.75 15.14 22.46
N THR A 56 -6.93 15.36 23.69
CA THR A 56 -6.71 14.31 24.68
C THR A 56 -7.73 14.43 25.80
N PRO A 57 -7.96 13.35 26.55
CA PRO A 57 -8.96 13.46 27.66
C PRO A 57 -8.66 14.57 28.68
N ARG A 58 -7.40 14.95 28.88
CA ARG A 58 -7.10 16.03 29.83
C ARG A 58 -6.93 17.41 29.17
N VAL A 59 -6.76 17.48 27.84
CA VAL A 59 -6.82 18.73 27.08
C VAL A 59 -7.81 18.48 25.92
N PRO A 60 -9.11 18.40 26.19
CA PRO A 60 -10.08 18.17 25.11
C PRO A 60 -10.29 19.39 24.24
N CYS A 61 -10.87 19.15 23.06
CA CYS A 61 -11.36 20.25 22.24
C CYS A 61 -12.42 21.03 23.02
N PRO A 62 -12.44 22.37 22.91
CA PRO A 62 -13.59 23.12 23.45
C PRO A 62 -14.92 22.64 22.84
N ASP A 63 -15.98 22.66 23.66
CA ASP A 63 -17.30 22.25 23.16
C ASP A 63 -17.75 23.11 21.98
N ALA A 64 -17.40 24.42 22.00
CA ALA A 64 -17.90 25.34 20.99
C ALA A 64 -17.36 25.02 19.61
N GLN A 65 -16.18 24.39 19.55
CA GLN A 65 -15.45 24.14 18.32
C GLN A 65 -15.54 22.71 17.82
N PHE A 66 -16.38 21.87 18.45
CA PHE A 66 -16.40 20.44 18.12
C PHE A 66 -17.65 20.11 17.33
N THR A 67 -17.43 19.75 16.07
CA THR A 67 -18.43 19.14 15.22
C THR A 67 -18.37 17.62 15.36
N GLU A 68 -19.50 17.01 15.69
CA GLU A 68 -19.64 15.57 15.82
C GLU A 68 -19.96 14.93 14.47
N THR A 69 -19.64 13.66 14.32
CA THR A 69 -19.99 12.94 13.10
C THR A 69 -21.47 12.57 13.19
N PRO A 70 -22.32 12.99 12.25
CA PRO A 70 -23.75 12.61 12.33
C PRO A 70 -23.92 11.11 12.49
N ARG A 71 -24.95 10.73 13.27
CA ARG A 71 -25.25 9.32 13.46
C ARG A 71 -25.58 8.60 12.15
N GLU A 72 -26.22 9.32 11.20
CA GLU A 72 -26.54 8.82 9.87
C GLU A 72 -25.34 8.22 9.18
N LEU A 73 -24.16 8.74 9.48
CA LEU A 73 -22.94 8.40 8.76
C LEU A 73 -22.25 7.21 9.38
N LEU A 74 -22.90 6.51 10.29
CA LEU A 74 -22.23 5.44 11.02
C LEU A 74 -23.02 4.14 10.91
N THR A 75 -22.27 3.04 10.76
CA THR A 75 -22.86 1.72 10.87
C THR A 75 -23.22 1.47 12.33
N PRO A 76 -23.93 0.38 12.64
CA PRO A 76 -24.28 0.15 14.06
C PRO A 76 -23.05 -0.10 14.92
N GLU A 77 -21.96 -0.65 14.35
CA GLU A 77 -20.73 -0.89 15.11
C GLU A 77 -19.90 0.39 15.31
N GLY A 78 -20.35 1.52 14.73
CA GLY A 78 -19.65 2.78 14.89
C GLY A 78 -18.70 3.14 13.78
N PHE A 79 -18.78 2.51 12.60
CA PHE A 79 -17.82 2.79 11.52
C PHE A 79 -18.36 3.83 10.56
N ARG A 80 -17.45 4.63 9.98
CA ARG A 80 -17.86 5.62 8.97
C ARG A 80 -18.30 4.92 7.67
N VAL A 81 -19.55 5.16 7.26
CA VAL A 81 -20.09 4.45 6.10
C VAL A 81 -19.59 5.09 4.81
N ASP A 82 -19.25 6.39 4.85
CA ASP A 82 -18.76 7.01 3.62
C ASP A 82 -17.34 6.52 3.30
N VAL A 83 -16.48 6.46 4.32
CA VAL A 83 -15.13 5.91 4.17
C VAL A 83 -15.20 4.47 3.66
N LEU A 84 -16.07 3.65 4.30
CA LEU A 84 -16.30 2.28 3.81
C LEU A 84 -16.73 2.29 2.34
N GLU A 85 -17.65 3.19 1.96
CA GLU A 85 -18.03 3.27 0.54
C GLU A 85 -16.79 3.48 -0.35
N VAL A 86 -15.89 4.38 0.03
CA VAL A 86 -14.71 4.61 -0.81
C VAL A 86 -13.82 3.36 -0.85
N LEU A 87 -13.49 2.80 0.32
CA LEU A 87 -12.50 1.72 0.32
C LEU A 87 -13.07 0.43 -0.27
N ARG A 88 -14.32 0.12 0.02
CA ARG A 88 -14.89 -1.13 -0.49
C ARG A 88 -15.51 -0.97 -1.87
N ASP A 89 -16.36 0.03 -2.08
CA ASP A 89 -17.12 0.09 -3.31
C ASP A 89 -16.38 0.79 -4.45
N GLU A 90 -15.56 1.82 -4.14
CA GLU A 90 -14.80 2.49 -5.21
C GLU A 90 -13.46 1.81 -5.48
N LEU A 91 -12.61 1.63 -4.46
CA LEU A 91 -11.30 1.04 -4.60
C LEU A 91 -11.32 -0.49 -4.55
N ARG A 92 -12.32 -1.10 -3.92
CA ARG A 92 -12.37 -2.55 -3.77
C ARG A 92 -11.08 -3.08 -3.11
N VAL A 93 -10.70 -2.45 -2.00
CA VAL A 93 -9.49 -2.84 -1.26
C VAL A 93 -9.63 -4.29 -0.81
N PRO A 94 -8.73 -5.21 -1.13
CA PRO A 94 -8.96 -6.61 -0.74
C PRO A 94 -8.34 -6.98 0.59
N LEU A 95 -7.48 -6.16 1.15
CA LEU A 95 -6.69 -6.56 2.31
C LEU A 95 -6.14 -5.31 2.97
N VAL A 96 -6.07 -5.35 4.30
CA VAL A 96 -5.59 -4.21 5.07
C VAL A 96 -4.67 -4.68 6.18
N ARG A 97 -3.51 -4.04 6.21
CA ARG A 97 -2.50 -4.24 7.23
C ARG A 97 -2.79 -3.41 8.45
N TRP A 98 -2.54 -3.99 9.62
CA TRP A 98 -2.96 -3.36 10.88
C TRP A 98 -2.21 -4.05 12.02
N PRO A 99 -1.92 -3.35 13.13
CA PRO A 99 -2.26 -1.99 13.53
C PRO A 99 -1.16 -1.00 13.26
N GLY A 100 -0.24 -1.45 12.49
CA GLY A 100 0.66 -0.48 12.09
C GLY A 100 2.03 -0.89 11.62
N GLY A 101 2.77 0.16 11.49
CA GLY A 101 4.12 0.10 11.24
C GLY A 101 4.64 0.41 12.65
N ASN A 102 5.17 1.60 12.93
CA ASN A 102 5.92 1.82 14.21
C ASN A 102 5.11 1.59 15.51
N TYR A 103 3.86 1.96 15.48
CA TYR A 103 3.00 1.76 16.66
C TYR A 103 3.06 0.34 17.17
N VAL A 104 3.10 -0.65 16.26
CA VAL A 104 2.93 -2.02 16.76
C VAL A 104 4.08 -2.49 17.67
N SER A 105 5.27 -1.90 17.55
CA SER A 105 6.45 -2.38 18.28
C SER A 105 6.40 -2.11 19.77
N SER A 106 5.38 -1.39 20.24
CA SER A 106 5.16 -1.28 21.67
C SER A 106 3.67 -1.48 21.98
N TYR A 107 2.96 -2.23 21.12
CA TYR A 107 1.55 -2.56 21.26
C TYR A 107 1.32 -3.91 21.93
N ASN A 108 0.52 -3.92 22.98
CA ASN A 108 0.06 -5.15 23.62
C ASN A 108 -1.39 -5.45 23.24
N TRP A 109 -1.59 -6.50 22.45
CA TRP A 109 -2.91 -6.76 21.85
C TRP A 109 -3.99 -7.07 22.90
N LYS A 110 -3.58 -7.59 24.06
CA LYS A 110 -4.52 -7.88 25.15
C LYS A 110 -5.12 -6.62 25.77
N ASP A 111 -4.45 -5.47 25.63
CA ASP A 111 -5.04 -4.19 25.99
C ASP A 111 -6.27 -3.84 25.15
N GLY A 112 -6.46 -4.49 24.01
CA GLY A 112 -7.46 -4.04 23.05
C GLY A 112 -8.57 -5.03 22.81
N VAL A 113 -8.83 -5.91 23.77
CA VAL A 113 -9.96 -6.82 23.70
C VAL A 113 -10.67 -6.82 25.05
N GLY A 114 -11.89 -7.32 25.04
CA GLY A 114 -12.69 -7.41 26.25
C GLY A 114 -13.66 -6.24 26.33
N PRO A 115 -14.46 -6.17 27.41
CA PRO A 115 -15.43 -5.06 27.54
C PRO A 115 -14.69 -3.73 27.48
N LYS A 116 -15.31 -2.74 26.83
CA LYS A 116 -14.59 -1.52 26.47
C LYS A 116 -14.14 -0.74 27.71
N GLU A 117 -14.91 -0.79 28.79
CA GLU A 117 -14.53 -0.05 29.99
C GLU A 117 -13.32 -0.67 30.68
N ALA A 118 -12.99 -1.94 30.42
CA ALA A 118 -11.77 -2.54 30.96
C ALA A 118 -10.53 -2.45 30.01
N ARG A 119 -10.57 -1.56 29.03
CA ARG A 119 -9.46 -1.44 28.10
C ARG A 119 -8.49 -0.40 28.60
N LYS A 120 -7.18 -0.71 28.50
CA LYS A 120 -6.17 0.13 29.15
C LYS A 120 -5.72 1.24 28.20
N ARG A 121 -5.83 2.48 28.66
CA ARG A 121 -5.23 3.60 27.95
C ARG A 121 -3.71 3.50 28.07
N ARG A 122 -3.00 3.73 26.96
CA ARG A 122 -1.55 3.62 26.93
C ARG A 122 -0.92 4.85 26.29
N PRO A 123 0.27 5.27 26.75
CA PRO A 123 1.04 6.24 25.97
C PRO A 123 1.36 5.62 24.62
N GLU A 124 1.37 6.45 23.58
CA GLU A 124 1.72 6.01 22.24
C GLU A 124 3.15 6.48 21.94
N LEU A 125 4.09 5.55 21.96
CA LEU A 125 5.50 5.86 22.01
C LEU A 125 6.08 6.25 20.64
N ALA A 126 5.57 5.62 19.58
CA ALA A 126 6.15 5.81 18.25
C ALA A 126 5.97 7.24 17.77
N TRP A 127 4.81 7.83 18.04
CA TRP A 127 4.49 9.14 17.50
C TRP A 127 4.05 10.19 18.53
N GLY A 128 3.93 9.82 19.81
CA GLY A 128 3.73 10.78 20.88
C GLY A 128 2.32 11.07 21.35
N GLY A 129 1.35 10.18 21.14
CA GLY A 129 0.02 10.47 21.67
C GLY A 129 -0.46 9.69 22.89
N GLU A 130 -1.79 9.51 22.99
CA GLU A 130 -2.37 8.51 23.87
C GLU A 130 -3.28 7.62 23.04
N GLU A 131 -3.32 6.33 23.36
CA GLU A 131 -4.20 5.37 22.67
C GLU A 131 -5.22 4.82 23.67
N SER A 132 -6.49 4.91 23.32
CA SER A 132 -7.55 4.37 24.17
C SER A 132 -7.74 2.87 24.03
N ASN A 133 -7.39 2.32 22.86
CA ASN A 133 -7.65 0.89 22.53
C ASN A 133 -9.14 0.55 22.54
N VAL A 134 -9.98 1.54 22.25
CA VAL A 134 -11.39 1.27 21.94
C VAL A 134 -11.50 0.45 20.64
N PHE A 135 -10.63 0.70 19.69
CA PHE A 135 -10.58 -0.08 18.45
C PHE A 135 -9.41 -1.06 18.61
N GLY A 136 -9.74 -2.34 18.86
CA GLY A 136 -8.78 -3.41 19.07
C GLY A 136 -9.11 -4.56 18.12
N THR A 137 -8.68 -5.79 18.44
CA THR A 137 -8.66 -6.84 17.42
C THR A 137 -10.07 -7.13 16.88
N ASP A 138 -11.05 -7.25 17.78
CA ASP A 138 -12.40 -7.66 17.40
C ASP A 138 -13.09 -6.59 16.57
N GLU A 139 -12.92 -5.31 16.95
CA GLU A 139 -13.44 -4.23 16.12
C GLU A 139 -12.75 -4.22 14.74
N PHE A 140 -11.44 -4.47 14.69
CA PHE A 140 -10.76 -4.50 13.39
C PHE A 140 -11.34 -5.61 12.50
N ILE A 141 -11.50 -6.81 13.05
CA ILE A 141 -12.07 -7.89 12.27
C ILE A 141 -13.51 -7.55 11.86
N ALA A 142 -14.31 -7.04 12.80
CA ALA A 142 -15.67 -6.65 12.44
C ALA A 142 -15.66 -5.60 11.32
N TRP A 143 -14.75 -4.63 11.40
CA TRP A 143 -14.63 -3.65 10.31
C TRP A 143 -14.27 -4.33 8.99
N CYS A 144 -13.29 -5.24 9.03
CA CYS A 144 -12.92 -5.98 7.82
C CYS A 144 -14.13 -6.71 7.24
N ARG A 145 -14.97 -7.28 8.11
CA ARG A 145 -16.17 -7.99 7.65
C ARG A 145 -17.10 -7.04 6.89
N VAL A 146 -17.43 -5.89 7.47
CA VAL A 146 -18.27 -4.92 6.76
C VAL A 146 -17.59 -4.49 5.47
N ALA A 147 -16.27 -4.22 5.52
CA ALA A 147 -15.57 -3.72 4.36
C ALA A 147 -15.34 -4.79 3.29
N LYS A 148 -15.52 -6.08 3.63
CA LYS A 148 -15.17 -7.21 2.75
C LYS A 148 -13.67 -7.21 2.45
N ILE A 149 -12.88 -7.07 3.52
CA ILE A 149 -11.43 -6.95 3.46
C ILE A 149 -10.82 -8.07 4.28
N GLU A 150 -9.73 -8.66 3.77
CA GLU A 150 -9.00 -9.68 4.53
C GLU A 150 -8.06 -9.02 5.53
N PRO A 151 -8.12 -9.42 6.79
CA PRO A 151 -7.20 -8.84 7.78
C PRO A 151 -5.77 -9.33 7.56
N TYR A 152 -4.82 -8.43 7.84
CA TYR A 152 -3.39 -8.72 7.79
C TYR A 152 -2.76 -8.08 9.03
N ILE A 153 -2.38 -8.91 10.00
CA ILE A 153 -2.00 -8.43 11.33
C ILE A 153 -0.49 -8.51 11.51
N VAL A 154 0.09 -7.46 12.12
CA VAL A 154 1.53 -7.38 12.40
C VAL A 154 1.77 -7.66 13.88
N PHE A 155 2.66 -8.62 14.13
CA PHE A 155 3.11 -8.92 15.49
C PHE A 155 3.99 -7.81 16.01
N ASN A 156 3.88 -7.55 17.30
CA ASN A 156 4.81 -6.73 18.06
C ASN A 156 6.11 -7.52 18.21
N MET A 157 7.17 -7.11 17.51
CA MET A 157 8.50 -7.65 17.79
C MET A 157 9.45 -6.57 18.28
N GLY A 158 8.94 -5.55 18.96
CA GLY A 158 9.73 -4.60 19.71
C GLY A 158 9.77 -5.00 21.15
N THR A 159 8.78 -4.56 21.95
CA THR A 159 8.68 -5.06 23.32
C THR A 159 7.98 -6.43 23.40
N GLY A 160 7.33 -6.87 22.33
CA GLY A 160 6.46 -8.03 22.46
C GLY A 160 7.25 -9.29 22.68
N THR A 161 6.61 -10.29 23.28
CA THR A 161 7.20 -11.62 23.46
C THR A 161 6.57 -12.63 22.51
N LEU A 162 7.31 -13.74 22.32
CA LEU A 162 6.84 -14.86 21.52
C LEU A 162 5.54 -15.39 22.09
N GLU A 163 5.46 -15.49 23.43
CA GLU A 163 4.24 -15.99 24.05
C GLU A 163 3.04 -15.10 23.75
N ASP A 164 3.20 -13.78 23.83
CA ASP A 164 2.12 -12.90 23.42
C ASP A 164 1.70 -13.17 21.97
N ALA A 165 2.65 -13.38 21.07
CA ALA A 165 2.30 -13.64 19.68
C ALA A 165 1.52 -14.95 19.52
N LEU A 166 1.97 -16.02 20.19
CA LEU A 166 1.25 -17.30 20.12
C LEU A 166 -0.17 -17.16 20.68
N HIS A 167 -0.34 -16.38 21.75
CA HIS A 167 -1.69 -16.18 22.29
C HIS A 167 -2.58 -15.39 21.33
N TRP A 168 -2.02 -14.42 20.59
CA TRP A 168 -2.82 -13.66 19.63
C TRP A 168 -3.34 -14.58 18.51
N ILE A 169 -2.44 -15.40 17.96
CA ILE A 169 -2.85 -16.35 16.92
C ILE A 169 -3.94 -17.27 17.46
N GLU A 170 -3.75 -17.78 18.68
CA GLU A 170 -4.77 -18.67 19.25
C GLU A 170 -6.10 -17.94 19.39
N TYR A 171 -6.06 -16.73 19.96
CA TYR A 171 -7.26 -15.89 20.08
C TYR A 171 -7.98 -15.74 18.76
N CYS A 172 -7.24 -15.40 17.70
CA CYS A 172 -7.89 -15.11 16.42
C CYS A 172 -8.38 -16.37 15.73
N ASN A 173 -7.57 -17.44 15.78
CA ASN A 173 -7.75 -18.57 14.88
C ASN A 173 -8.02 -19.89 15.59
N GLY A 174 -7.92 -19.94 16.91
CA GLY A 174 -8.11 -21.21 17.60
C GLY A 174 -9.54 -21.69 17.49
N THR A 175 -9.70 -22.99 17.22
CA THR A 175 -11.02 -23.60 17.11
C THR A 175 -11.28 -24.62 18.19
N GLY A 176 -10.36 -24.80 19.13
CA GLY A 176 -10.51 -25.75 20.21
C GLY A 176 -11.06 -25.13 21.48
N ASP A 177 -11.04 -25.93 22.54
CA ASP A 177 -11.45 -25.50 23.87
C ASP A 177 -10.18 -25.11 24.63
N THR A 178 -9.74 -23.87 24.41
CA THR A 178 -8.53 -23.35 24.99
C THR A 178 -8.76 -21.90 25.40
N TYR A 179 -8.02 -21.47 26.43
CA TYR A 179 -8.32 -20.21 27.10
C TYR A 179 -8.51 -19.05 26.12
N TYR A 180 -7.57 -18.86 25.17
CA TYR A 180 -7.66 -17.63 24.37
C TYR A 180 -8.71 -17.75 23.27
N ALA A 181 -8.93 -18.95 22.72
CA ALA A 181 -10.05 -19.12 21.80
C ALA A 181 -11.38 -18.91 22.54
N ASN A 182 -11.50 -19.44 23.77
CA ASN A 182 -12.72 -19.22 24.56
C ASN A 182 -12.89 -17.75 24.88
N LEU A 183 -11.80 -17.06 25.17
CA LEU A 183 -11.90 -15.63 25.41
C LEU A 183 -12.47 -14.92 24.19
N ARG A 184 -12.01 -15.27 22.98
CA ARG A 184 -12.58 -14.62 21.79
C ARG A 184 -14.08 -14.86 21.71
N ARG A 185 -14.51 -16.12 21.90
CA ARG A 185 -15.92 -16.46 21.85
C ARG A 185 -16.73 -15.62 22.86
N GLN A 186 -16.21 -15.49 24.09
CA GLN A 186 -16.86 -14.66 25.10
C GLN A 186 -16.95 -13.20 24.64
N ASN A 187 -15.89 -12.65 24.05
CA ASN A 187 -15.94 -11.25 23.63
C ASN A 187 -16.86 -11.03 22.42
N THR A 188 -16.88 -11.95 21.46
CA THR A 188 -17.64 -11.72 20.24
C THR A 188 -19.07 -12.30 20.28
N GLY A 189 -19.40 -13.12 21.30
CA GLY A 189 -20.70 -13.82 21.35
C GLY A 189 -20.92 -14.86 20.27
N ARG A 190 -19.89 -15.25 19.55
CA ARG A 190 -19.97 -16.18 18.45
C ARG A 190 -18.96 -17.31 18.63
N ASP A 191 -19.20 -18.43 17.97
CA ASP A 191 -18.25 -19.54 18.07
C ASP A 191 -17.10 -19.44 17.07
N GLU A 192 -17.36 -18.90 15.90
CA GLU A 192 -16.46 -19.02 14.76
C GLU A 192 -15.15 -18.26 14.99
N PRO A 193 -14.02 -18.79 14.54
CA PRO A 193 -12.75 -18.03 14.63
C PRO A 193 -12.72 -16.86 13.67
N HIS A 194 -11.89 -15.87 14.01
CA HIS A 194 -11.63 -14.78 13.05
C HIS A 194 -10.92 -15.29 11.81
N ASN A 195 -10.09 -16.32 11.93
CA ASN A 195 -9.31 -16.87 10.81
C ASN A 195 -8.56 -15.77 10.04
N VAL A 196 -7.67 -15.11 10.78
CA VAL A 196 -6.72 -14.19 10.13
C VAL A 196 -5.66 -15.01 9.40
N LYS A 197 -5.59 -14.88 8.07
CA LYS A 197 -4.68 -15.71 7.29
C LYS A 197 -3.27 -15.12 7.25
N TYR A 198 -3.13 -13.78 7.18
CA TYR A 198 -1.84 -13.15 6.99
C TYR A 198 -1.33 -12.49 8.27
N TRP A 199 -0.06 -12.80 8.64
CA TRP A 199 0.63 -12.18 9.77
C TRP A 199 2.06 -11.82 9.42
N ALA A 200 2.52 -10.65 9.89
CA ALA A 200 3.88 -10.17 9.66
C ALA A 200 4.73 -10.28 10.92
N LEU A 201 5.97 -10.74 10.75
CA LEU A 201 6.89 -10.86 11.88
C LEU A 201 7.63 -9.54 12.10
N GLY A 202 6.91 -8.59 12.73
CA GLY A 202 7.49 -7.33 13.17
C GLY A 202 7.41 -6.20 12.15
N ASN A 203 7.70 -5.00 12.63
CA ASN A 203 7.64 -3.80 11.79
C ASN A 203 8.96 -3.05 11.82
N GLU A 204 9.64 -3.04 10.69
CA GLU A 204 10.88 -2.31 10.50
C GLU A 204 11.86 -2.52 11.66
N VAL A 205 12.13 -3.76 11.99
CA VAL A 205 13.01 -4.07 13.14
C VAL A 205 14.43 -3.51 12.84
N TRP A 206 14.72 -3.27 11.57
CA TRP A 206 16.00 -2.66 11.17
C TRP A 206 16.11 -1.14 11.47
N GLY A 207 15.00 -0.42 11.67
CA GLY A 207 15.08 1.04 11.74
C GLY A 207 15.61 1.54 13.08
N GLU A 208 16.42 2.61 13.03
CA GLU A 208 16.98 3.21 14.24
C GLU A 208 15.88 3.86 15.08
N TRP A 209 14.76 4.24 14.47
CA TRP A 209 13.64 4.81 15.23
C TRP A 209 12.82 3.73 15.96
N GLN A 210 12.98 2.46 15.59
CA GLN A 210 12.08 1.42 16.07
C GLN A 210 12.39 1.04 17.51
N VAL A 211 11.34 0.89 18.30
CA VAL A 211 11.49 0.22 19.58
C VAL A 211 11.94 -1.21 19.35
N GLY A 212 12.94 -1.65 20.09
CA GLY A 212 13.43 -3.02 19.91
C GLY A 212 14.21 -3.26 18.62
N GLN A 213 14.78 -2.21 18.03
CA GLN A 213 15.64 -2.36 16.86
C GLN A 213 16.70 -3.44 17.13
N GLN A 214 17.01 -4.22 16.09
CA GLN A 214 17.97 -5.32 16.18
C GLN A 214 18.86 -5.30 14.94
N THR A 215 20.02 -5.97 15.01
CA THR A 215 20.81 -6.26 13.81
C THR A 215 20.10 -7.32 12.96
N ALA A 216 20.57 -7.45 11.70
CA ALA A 216 19.96 -8.38 10.77
C ALA A 216 20.06 -9.81 11.29
N SER A 217 21.24 -10.16 11.83
CA SER A 217 21.45 -11.54 12.27
C SER A 217 20.64 -11.84 13.51
N ALA A 218 20.52 -10.87 14.45
CA ALA A 218 19.71 -11.08 15.66
C ALA A 218 18.22 -11.18 15.34
N TYR A 219 17.69 -10.29 14.50
CA TYR A 219 16.30 -10.44 14.06
C TYR A 219 16.04 -11.76 13.34
N ALA A 220 16.89 -12.12 12.38
CA ALA A 220 16.63 -13.32 11.58
C ALA A 220 16.60 -14.57 12.43
N THR A 221 17.53 -14.66 13.38
CA THR A 221 17.56 -15.79 14.30
C THR A 221 16.29 -15.85 15.16
N LYS A 222 15.83 -14.69 15.63
CA LYS A 222 14.62 -14.64 16.46
C LYS A 222 13.37 -14.94 15.62
N ALA A 223 13.27 -14.26 14.47
CA ALA A 223 12.13 -14.48 13.59
C ALA A 223 12.03 -15.94 13.11
N ARG A 224 13.17 -16.64 12.97
CA ARG A 224 13.08 -18.05 12.61
C ARG A 224 12.39 -18.85 13.72
N GLN A 225 12.72 -18.54 14.97
CA GLN A 225 12.11 -19.22 16.11
C GLN A 225 10.63 -18.88 16.23
N TRP A 226 10.28 -17.59 16.13
CA TRP A 226 8.88 -17.16 16.19
C TRP A 226 8.08 -17.82 15.06
N ALA A 227 8.63 -17.80 13.84
CA ALA A 227 7.93 -18.36 12.69
C ALA A 227 7.62 -19.83 12.93
N HIS A 228 8.62 -20.58 13.42
CA HIS A 228 8.45 -22.00 13.72
C HIS A 228 7.36 -22.22 14.76
N ALA A 229 7.36 -21.45 15.86
CA ALA A 229 6.39 -21.71 16.92
C ALA A 229 4.98 -21.25 16.51
N ILE A 230 4.87 -20.11 15.83
CA ILE A 230 3.57 -19.62 15.40
C ILE A 230 2.88 -20.63 14.49
N ARG A 231 3.64 -21.27 13.59
CA ARG A 231 3.06 -22.25 12.67
C ARG A 231 2.52 -23.47 13.40
N LEU A 232 3.11 -23.83 14.55
CA LEU A 232 2.58 -24.94 15.35
C LEU A 232 1.19 -24.62 15.89
N VAL A 233 0.88 -23.35 16.12
CA VAL A 233 -0.46 -22.98 16.61
C VAL A 233 -1.47 -23.05 15.48
N ASP A 234 -1.13 -22.54 14.29
CA ASP A 234 -2.01 -22.56 13.13
C ASP A 234 -1.18 -22.82 11.87
N PRO A 235 -1.08 -24.08 11.45
CA PRO A 235 -0.16 -24.40 10.32
C PRO A 235 -0.57 -23.78 9.00
N SER A 236 -1.81 -23.30 8.85
CA SER A 236 -2.25 -22.78 7.55
C SER A 236 -1.90 -21.31 7.34
N VAL A 237 -1.32 -20.62 8.34
CA VAL A 237 -1.12 -19.19 8.22
C VAL A 237 -0.03 -18.88 7.20
N VAL A 238 -0.13 -17.67 6.62
CA VAL A 238 0.85 -17.07 5.71
C VAL A 238 1.65 -16.06 6.50
N LEU A 239 2.95 -16.30 6.66
CA LEU A 239 3.81 -15.43 7.47
C LEU A 239 4.69 -14.57 6.57
N VAL A 240 4.97 -13.35 7.04
CA VAL A 240 5.73 -12.37 6.27
C VAL A 240 6.95 -11.94 7.07
N GLY A 241 8.17 -12.22 6.55
CA GLY A 241 9.38 -11.80 7.25
C GLY A 241 9.61 -10.32 7.08
N CYS A 242 10.30 -9.71 8.05
CA CYS A 242 10.53 -8.27 7.99
C CYS A 242 11.82 -8.02 7.20
N GLY A 243 11.67 -7.45 5.99
CA GLY A 243 12.78 -7.02 5.18
C GLY A 243 13.02 -5.53 5.35
N GLU A 244 13.98 -5.01 4.58
CA GLU A 244 14.26 -3.57 4.61
C GLU A 244 13.72 -2.77 3.42
N THR A 245 14.41 -2.83 2.25
CA THR A 245 13.86 -2.20 1.05
C THR A 245 13.95 -3.19 -0.11
N GLY A 246 14.57 -4.36 0.09
CA GLY A 246 14.72 -5.37 -0.94
C GLY A 246 16.14 -5.48 -1.48
N VAL A 247 16.91 -4.40 -1.37
CA VAL A 247 18.25 -4.31 -1.96
C VAL A 247 19.35 -4.32 -0.91
N ASP A 248 19.01 -4.42 0.37
CA ASP A 248 19.96 -4.22 1.45
C ASP A 248 20.54 -5.54 1.96
N HIS A 249 21.66 -5.41 2.66
CA HIS A 249 22.28 -6.55 3.31
C HIS A 249 21.31 -7.24 4.25
N TRP A 250 20.54 -6.46 5.01
CA TRP A 250 19.48 -7.01 5.86
C TRP A 250 18.63 -8.00 5.10
N ASP A 251 18.25 -7.68 3.87
CA ASP A 251 17.35 -8.53 3.12
C ASP A 251 17.96 -9.90 2.87
N GLY A 252 19.23 -9.96 2.41
CA GLY A 252 19.89 -11.25 2.21
C GLY A 252 19.96 -12.08 3.48
N VAL A 253 20.40 -11.46 4.58
CA VAL A 253 20.52 -12.17 5.86
C VAL A 253 19.17 -12.74 6.31
N VAL A 254 18.11 -11.94 6.23
CA VAL A 254 16.80 -12.40 6.71
C VAL A 254 16.26 -13.52 5.83
N LEU A 255 16.33 -13.35 4.50
CA LEU A 255 15.81 -14.38 3.59
C LEU A 255 16.58 -15.69 3.75
N ASP A 256 17.90 -15.61 3.92
CA ASP A 256 18.66 -16.84 4.11
C ASP A 256 18.16 -17.61 5.32
N GLU A 257 17.63 -16.91 6.34
CA GLU A 257 17.20 -17.58 7.57
C GLU A 257 15.70 -17.93 7.61
N LEU A 258 14.84 -17.25 6.82
CA LEU A 258 13.39 -17.42 6.96
C LEU A 258 12.73 -18.20 5.83
N VAL A 259 13.42 -18.45 4.73
CA VAL A 259 12.75 -18.82 3.49
C VAL A 259 12.02 -20.15 3.60
N ASP A 260 12.45 -21.05 4.47
CA ASP A 260 11.75 -22.32 4.68
C ASP A 260 10.70 -22.24 5.80
N LYS A 261 10.44 -21.05 6.37
CA LYS A 261 9.50 -20.85 7.47
C LYS A 261 8.41 -19.83 7.19
N VAL A 262 8.58 -18.99 6.17
CA VAL A 262 7.62 -17.96 5.83
C VAL A 262 7.33 -18.07 4.34
N GLU A 263 6.29 -17.32 3.92
CA GLU A 263 5.77 -17.33 2.56
C GLU A 263 6.09 -16.04 1.82
N LEU A 264 6.21 -14.93 2.53
CA LEU A 264 6.48 -13.63 1.91
C LEU A 264 7.59 -12.92 2.66
N HIS A 265 8.07 -11.85 2.02
CA HIS A 265 9.15 -10.99 2.50
C HIS A 265 8.67 -9.55 2.35
N SER A 266 8.70 -8.80 3.46
CA SER A 266 8.12 -7.46 3.54
C SER A 266 9.19 -6.42 3.27
N ILE A 267 8.90 -5.50 2.36
CA ILE A 267 9.79 -4.37 2.08
C ILE A 267 8.97 -3.10 2.01
N HIS A 268 9.62 -1.99 2.39
CA HIS A 268 9.04 -0.68 2.50
C HIS A 268 9.86 0.34 1.74
N LEU A 269 9.16 1.25 1.04
CA LEU A 269 9.83 2.44 0.52
C LEU A 269 8.81 3.56 0.25
N TYR A 270 9.23 4.77 0.52
CA TYR A 270 8.48 5.99 0.27
C TYR A 270 9.25 6.86 -0.71
N THR A 271 8.55 7.49 -1.64
CA THR A 271 9.17 8.47 -2.53
C THR A 271 8.86 9.87 -2.01
N GLY A 272 9.56 10.86 -2.57
CA GLY A 272 9.51 12.18 -1.99
C GLY A 272 10.12 12.27 -0.60
N PHE A 273 10.72 11.18 -0.13
CA PHE A 273 11.22 11.09 1.22
C PHE A 273 12.74 11.27 1.26
N GLY A 274 13.23 11.94 2.30
CA GLY A 274 14.64 11.92 2.62
C GLY A 274 15.36 13.25 2.53
N PRO A 275 16.57 13.30 3.08
CA PRO A 275 17.38 14.53 3.00
C PRO A 275 17.74 14.90 1.56
N ARG A 276 17.68 16.21 1.29
CA ARG A 276 18.03 16.82 0.02
C ARG A 276 17.89 18.33 0.25
N ASP A 277 18.49 19.11 -0.64
CA ASP A 277 18.41 20.57 -0.60
C ASP A 277 17.06 21.00 -1.13
N ARG A 278 16.09 21.18 -0.23
CA ARG A 278 14.74 21.52 -0.65
C ARG A 278 14.63 22.94 -1.19
N SER A 279 15.64 23.79 -0.97
CA SER A 279 15.64 25.15 -1.54
C SER A 279 15.78 25.13 -3.05
N GLN A 280 16.46 24.12 -3.62
CA GLN A 280 16.53 23.94 -5.06
C GLN A 280 15.17 23.45 -5.60
N VAL A 281 14.19 24.35 -5.64
CA VAL A 281 12.80 23.98 -5.94
C VAL A 281 12.66 23.41 -7.33
N ASP A 282 13.48 23.87 -8.29
CA ASP A 282 13.37 23.41 -9.67
C ASP A 282 13.56 21.89 -9.76
N LYS A 283 14.30 21.32 -8.82
CA LYS A 283 14.59 19.90 -8.84
C LYS A 283 13.57 19.04 -8.13
N GLU A 284 12.62 19.61 -7.36
CA GLU A 284 11.73 18.79 -6.53
C GLU A 284 10.79 17.94 -7.41
N TYR A 285 10.33 18.51 -8.53
CA TYR A 285 9.52 17.75 -9.47
C TYR A 285 10.19 16.42 -9.84
N GLY A 286 11.42 16.48 -10.37
CA GLY A 286 12.09 15.25 -10.78
C GLY A 286 12.50 14.36 -9.63
N ARG A 287 12.85 14.97 -8.49
CA ARG A 287 13.07 14.18 -7.29
C ARG A 287 11.86 13.32 -6.95
N GLY A 288 10.64 13.87 -7.13
CA GLY A 288 9.42 13.16 -6.74
C GLY A 288 8.93 12.16 -7.77
N VAL A 289 8.88 12.54 -9.06
CA VAL A 289 8.09 11.72 -9.97
C VAL A 289 8.84 10.47 -10.38
N TYR A 290 10.20 10.53 -10.49
CA TYR A 290 10.96 9.36 -10.91
C TYR A 290 11.32 8.45 -9.73
N GLY A 291 10.97 8.84 -8.50
CA GLY A 291 11.32 8.06 -7.32
C GLY A 291 11.05 6.57 -7.39
N PRO A 292 9.91 6.14 -7.91
CA PRO A 292 9.63 4.68 -7.95
C PRO A 292 10.63 3.84 -8.77
N ASP A 293 11.48 4.43 -9.60
CA ASP A 293 12.59 3.66 -10.20
C ASP A 293 13.43 2.96 -9.11
N ALA A 294 13.64 3.63 -7.97
CA ALA A 294 14.37 2.97 -6.88
C ALA A 294 13.71 1.65 -6.46
N ALA A 295 12.37 1.57 -6.51
CA ALA A 295 11.71 0.36 -6.03
C ALA A 295 11.82 -0.79 -7.02
N GLU A 296 11.66 -0.52 -8.30
CA GLU A 296 11.82 -1.58 -9.29
C GLU A 296 13.25 -2.16 -9.26
N TYR A 297 14.28 -1.31 -9.18
CA TYR A 297 15.64 -1.85 -9.02
C TYR A 297 15.71 -2.74 -7.77
N SER A 298 15.10 -2.30 -6.67
CA SER A 298 15.24 -3.06 -5.43
C SER A 298 14.43 -4.35 -5.49
N ILE A 299 13.26 -4.30 -6.12
CA ILE A 299 12.46 -5.52 -6.24
C ILE A 299 13.21 -6.56 -7.04
N GLU A 300 13.85 -6.13 -8.17
CA GLU A 300 14.65 -7.05 -8.99
C GLU A 300 15.79 -7.67 -8.20
N VAL A 301 16.51 -6.87 -7.41
CA VAL A 301 17.56 -7.47 -6.56
C VAL A 301 16.94 -8.51 -5.62
N CYS A 302 15.86 -8.12 -4.94
CA CYS A 302 15.22 -9.00 -3.96
C CYS A 302 14.81 -10.33 -4.58
N LYS A 303 14.33 -10.29 -5.83
CA LYS A 303 14.00 -11.51 -6.56
C LYS A 303 15.18 -12.47 -6.60
N GLY A 304 16.39 -11.95 -6.80
CA GLY A 304 17.56 -12.82 -6.81
C GLY A 304 17.93 -13.33 -5.43
N LEU A 305 17.82 -12.46 -4.40
CA LEU A 305 18.06 -12.91 -3.02
C LEU A 305 17.07 -13.99 -2.60
N ILE A 306 15.81 -13.87 -3.03
CA ILE A 306 14.85 -14.93 -2.77
C ILE A 306 15.35 -16.25 -3.36
N ASN A 307 15.79 -16.22 -4.64
CA ASN A 307 16.17 -17.47 -5.28
C ASN A 307 17.50 -18.00 -4.77
N LYS A 308 18.36 -17.12 -4.26
CA LYS A 308 19.56 -17.60 -3.57
C LYS A 308 19.16 -18.36 -2.30
N ALA A 309 18.30 -17.75 -1.48
CA ALA A 309 17.93 -18.38 -0.21
C ALA A 309 17.18 -19.70 -0.45
N ARG A 310 16.36 -19.75 -1.52
CA ARG A 310 15.59 -20.97 -1.82
C ARG A 310 16.52 -22.10 -2.25
N PHE A 311 17.51 -21.78 -3.11
CA PHE A 311 18.58 -22.73 -3.39
C PHE A 311 19.23 -23.19 -2.10
N ALA A 312 19.64 -22.23 -1.25
CA ALA A 312 20.46 -22.60 -0.07
C ALA A 312 19.73 -23.57 0.85
N ARG A 313 18.41 -23.43 0.99
CA ARG A 313 17.64 -24.30 1.89
C ARG A 313 16.79 -25.29 1.13
N ASN A 314 17.01 -25.45 -0.17
CA ASN A 314 16.26 -26.39 -0.98
C ASN A 314 14.75 -26.21 -0.74
N VAL A 315 14.26 -24.97 -0.92
CA VAL A 315 12.85 -24.66 -0.77
C VAL A 315 12.21 -24.67 -2.16
N SER A 316 11.26 -25.59 -2.37
CA SER A 316 10.64 -25.68 -3.71
C SER A 316 9.49 -24.68 -3.88
N LYS A 317 8.82 -24.34 -2.78
CA LYS A 317 7.74 -23.36 -2.79
C LYS A 317 8.24 -22.00 -3.24
N PRO A 318 7.47 -21.25 -4.03
CA PRO A 318 7.86 -19.85 -4.31
C PRO A 318 7.70 -18.97 -3.07
N ILE A 319 8.59 -17.99 -2.96
CA ILE A 319 8.57 -16.97 -1.92
C ILE A 319 8.30 -15.66 -2.62
N LYS A 320 7.34 -14.88 -2.11
CA LYS A 320 6.93 -13.66 -2.78
C LYS A 320 7.23 -12.45 -1.91
N ILE A 321 6.95 -11.28 -2.48
CA ILE A 321 7.24 -9.99 -1.86
C ILE A 321 5.91 -9.35 -1.47
N ALA A 322 5.89 -8.79 -0.26
CA ALA A 322 4.83 -7.90 0.20
C ALA A 322 5.45 -6.51 0.27
N PHE A 323 5.07 -5.63 -0.66
CA PHE A 323 5.52 -4.23 -0.60
C PHE A 323 4.50 -3.50 0.26
N ASP A 324 4.53 -3.80 1.57
CA ASP A 324 3.38 -3.51 2.41
C ASP A 324 3.53 -2.19 3.16
N GLU A 325 4.47 -1.35 2.72
CA GLU A 325 4.37 0.10 2.89
C GLU A 325 4.98 0.69 1.63
N TYR A 326 4.17 1.28 0.78
CA TYR A 326 4.63 2.17 -0.29
C TYR A 326 3.81 3.46 -0.21
N GLY A 327 4.33 4.50 -0.83
CA GLY A 327 3.56 5.74 -0.89
C GLY A 327 4.47 6.94 -1.10
N VAL A 328 3.90 8.11 -0.83
CA VAL A 328 4.54 9.39 -1.05
C VAL A 328 4.53 10.13 0.27
N TRP A 329 5.72 10.51 0.74
CA TRP A 329 5.85 11.09 2.08
C TRP A 329 7.10 11.96 2.14
N ASP A 330 6.91 13.25 2.37
CA ASP A 330 8.01 14.17 2.66
C ASP A 330 8.02 14.38 4.19
N GLU A 331 9.09 13.91 4.83
CA GLU A 331 9.16 13.91 6.30
C GLU A 331 9.16 15.32 6.92
N THR A 332 9.26 16.38 6.11
CA THR A 332 9.13 17.74 6.61
C THR A 332 7.73 18.32 6.47
N VAL A 333 6.82 17.62 5.78
CA VAL A 333 5.43 18.06 5.57
C VAL A 333 4.50 17.23 6.48
N GLY A 334 4.49 15.91 6.29
CA GLY A 334 3.82 15.03 7.22
C GLY A 334 4.70 14.68 8.41
N THR A 335 4.37 15.26 9.58
CA THR A 335 5.16 15.19 10.80
C THR A 335 4.36 14.51 11.92
N PRO A 336 5.03 14.01 12.97
CA PRO A 336 4.23 13.44 14.10
C PRO A 336 3.30 14.46 14.72
N GLN A 337 3.66 15.75 14.68
CA GLN A 337 2.83 16.79 15.28
C GLN A 337 1.49 16.95 14.57
N ASN A 338 1.47 16.87 13.23
CA ASN A 338 0.23 17.05 12.46
C ASN A 338 -0.38 15.70 12.01
N GLY A 339 0.01 14.60 12.65
CA GLY A 339 -0.54 13.29 12.29
C GLY A 339 -0.19 12.84 10.88
N LEU A 340 1.02 13.15 10.46
CA LEU A 340 1.49 12.74 9.14
C LEU A 340 0.49 13.17 8.05
N GLU A 341 -0.04 14.42 8.11
CA GLU A 341 -1.05 14.92 7.13
C GLU A 341 -0.27 15.58 6.02
N GLN A 342 -0.49 15.10 4.80
CA GLN A 342 0.19 15.65 3.63
C GLN A 342 -0.90 15.78 2.59
N PHE A 343 -1.03 16.98 2.03
CA PHE A 343 -1.95 17.26 0.92
C PHE A 343 -1.16 17.16 -0.36
N TYR A 344 -1.62 16.30 -1.26
CA TYR A 344 -0.85 15.90 -2.43
C TYR A 344 -1.18 16.76 -3.65
N ASN A 345 -0.20 16.88 -4.54
CA ASN A 345 -0.43 17.65 -5.76
C ASN A 345 -0.45 16.70 -6.96
N PHE A 346 -0.62 17.27 -8.15
CA PHE A 346 -0.72 16.47 -9.36
C PHE A 346 0.59 15.71 -9.65
N ALA A 347 1.74 16.33 -9.42
CA ALA A 347 3.01 15.63 -9.58
C ALA A 347 3.06 14.36 -8.75
N ASP A 348 2.59 14.46 -7.49
CA ASP A 348 2.49 13.30 -6.61
C ASP A 348 1.66 12.18 -7.22
N ALA A 349 0.56 12.53 -7.93
CA ALA A 349 -0.22 11.50 -8.59
C ALA A 349 0.54 10.82 -9.72
N LEU A 350 1.47 11.53 -10.39
CA LEU A 350 2.32 10.86 -11.37
C LEU A 350 3.31 9.93 -10.70
N ALA A 351 3.84 10.32 -9.52
CA ALA A 351 4.62 9.36 -8.73
C ALA A 351 3.78 8.13 -8.38
N MET A 352 2.53 8.32 -7.96
CA MET A 352 1.68 7.20 -7.60
C MET A 352 1.47 6.28 -8.79
N ALA A 353 1.17 6.85 -9.95
CA ALA A 353 0.98 6.01 -11.14
C ALA A 353 2.24 5.23 -11.47
N SER A 354 3.42 5.85 -11.28
CA SER A 354 4.69 5.16 -11.51
C SER A 354 4.86 3.99 -10.56
N TRP A 355 4.49 4.20 -9.28
CA TRP A 355 4.51 3.11 -8.32
C TRP A 355 3.71 1.89 -8.80
N LEU A 356 2.47 2.12 -9.24
CA LEU A 356 1.59 0.99 -9.58
C LEU A 356 2.09 0.27 -10.83
N ASN A 357 2.67 1.01 -11.78
CA ASN A 357 3.31 0.41 -12.95
C ASN A 357 4.47 -0.49 -12.55
N VAL A 358 5.24 -0.11 -11.51
CA VAL A 358 6.26 -1.02 -11.00
C VAL A 358 5.65 -2.36 -10.60
N PHE A 359 4.57 -2.31 -9.79
CA PHE A 359 4.00 -3.54 -9.26
C PHE A 359 3.44 -4.40 -10.38
N ILE A 360 2.84 -3.77 -11.41
CA ILE A 360 2.35 -4.54 -12.55
C ILE A 360 3.51 -5.23 -13.26
N ARG A 361 4.60 -4.49 -13.53
CA ARG A 361 5.71 -5.07 -14.27
C ARG A 361 6.37 -6.16 -13.46
N GLN A 362 6.31 -6.06 -12.13
CA GLN A 362 6.90 -7.07 -11.25
C GLN A 362 5.85 -8.01 -10.67
N ALA A 363 4.75 -8.21 -11.39
CA ALA A 363 3.66 -9.04 -10.89
C ALA A 363 4.06 -10.48 -10.63
N ASP A 364 5.16 -10.96 -11.24
CA ASP A 364 5.60 -12.32 -10.96
C ASP A 364 6.20 -12.49 -9.57
N VAL A 365 6.44 -11.40 -8.82
CA VAL A 365 7.02 -11.58 -7.48
C VAL A 365 6.31 -10.73 -6.43
N VAL A 366 5.72 -9.60 -6.82
CA VAL A 366 5.00 -8.74 -5.85
C VAL A 366 3.59 -9.32 -5.71
N ASP A 367 3.32 -9.99 -4.58
CA ASP A 367 1.99 -10.54 -4.31
C ASP A 367 1.11 -9.62 -3.47
N ILE A 368 1.71 -8.72 -2.68
CA ILE A 368 0.96 -7.78 -1.86
C ILE A 368 1.62 -6.42 -1.98
N ALA A 369 0.81 -5.37 -2.08
CA ALA A 369 1.30 -4.00 -1.94
C ALA A 369 0.28 -3.20 -1.15
N CYS A 370 0.75 -2.44 -0.15
CA CYS A 370 -0.16 -1.71 0.76
C CYS A 370 0.13 -0.23 0.74
N ILE A 371 -0.83 0.56 0.28
CA ILE A 371 -0.64 2.00 0.23
C ILE A 371 -0.55 2.51 1.69
N ALA A 372 0.45 3.30 2.04
CA ALA A 372 0.60 3.81 3.36
C ALA A 372 0.20 5.27 3.29
N GLN A 373 -0.90 5.70 3.95
CA GLN A 373 -1.97 4.87 4.61
C GLN A 373 -3.34 5.12 3.99
N SER A 374 -4.26 4.25 4.31
CA SER A 374 -5.55 4.27 3.60
C SER A 374 -6.47 5.43 3.99
N VAL A 375 -6.33 6.00 5.18
CA VAL A 375 -7.18 7.13 5.57
C VAL A 375 -6.36 8.15 6.36
N ASN A 376 -6.45 9.39 5.96
CA ASN A 376 -5.83 10.53 6.60
C ASN A 376 -4.24 10.56 6.72
N VAL A 377 -3.60 9.50 7.20
CA VAL A 377 -2.10 9.43 7.23
C VAL A 377 -1.54 9.34 5.82
N ILE A 378 -0.80 10.35 5.38
CA ILE A 378 -0.19 10.34 4.05
C ILE A 378 -1.05 9.63 3.00
N SER A 379 -2.32 10.02 2.91
CA SER A 379 -3.36 9.15 2.38
C SER A 379 -4.02 9.62 1.10
N PRO A 380 -4.48 8.66 0.27
CA PRO A 380 -5.36 9.05 -0.83
C PRO A 380 -6.68 9.64 -0.37
N LEU A 381 -7.02 9.52 0.91
CA LEU A 381 -8.36 9.87 1.38
C LEU A 381 -8.26 10.70 2.64
N ILE A 382 -8.95 11.85 2.62
CA ILE A 382 -8.97 12.80 3.73
C ILE A 382 -10.40 12.93 4.25
N THR A 383 -10.58 12.88 5.58
CA THR A 383 -11.91 13.05 6.14
C THR A 383 -12.02 14.32 6.98
N SER A 384 -13.25 14.75 7.12
CA SER A 384 -13.69 15.67 8.16
C SER A 384 -14.80 14.94 8.92
N PRO A 385 -15.30 15.50 10.03
CA PRO A 385 -16.37 14.83 10.77
C PRO A 385 -17.62 14.56 9.94
N THR A 386 -17.85 15.37 8.89
CA THR A 386 -19.09 15.34 8.12
C THR A 386 -18.92 14.94 6.66
N GLY A 387 -17.70 14.77 6.19
CA GLY A 387 -17.48 14.38 4.81
C GLY A 387 -16.05 13.95 4.59
N LEU A 388 -15.67 13.90 3.29
CA LEU A 388 -14.36 13.43 2.87
C LEU A 388 -14.06 13.96 1.46
N PHE A 389 -12.77 13.94 1.09
CA PHE A 389 -12.38 14.17 -0.29
C PHE A 389 -11.25 13.22 -0.67
N ARG A 390 -11.15 12.98 -1.97
CA ARG A 390 -10.16 12.12 -2.58
C ARG A 390 -8.99 12.97 -3.05
N GLN A 391 -7.76 12.60 -2.63
CA GLN A 391 -6.57 13.34 -3.01
C GLN A 391 -6.17 13.00 -4.45
N THR A 392 -5.25 13.80 -5.00
CA THR A 392 -4.77 13.52 -6.35
C THR A 392 -4.36 12.05 -6.49
N ILE A 393 -3.60 11.51 -5.51
CA ILE A 393 -3.05 10.16 -5.66
C ILE A 393 -4.13 9.08 -5.62
N TYR A 394 -5.33 9.44 -5.18
CA TYR A 394 -6.43 8.48 -5.21
C TYR A 394 -6.72 7.99 -6.63
N TRP A 395 -6.61 8.86 -7.63
CA TRP A 395 -7.09 8.52 -8.97
C TRP A 395 -6.24 7.48 -9.69
N PRO A 396 -4.91 7.52 -9.64
CA PRO A 396 -4.15 6.39 -10.22
C PRO A 396 -4.51 5.06 -9.57
N LEU A 397 -4.57 5.03 -8.23
CA LEU A 397 -5.00 3.84 -7.50
C LEU A 397 -6.37 3.36 -7.96
N TYR A 398 -7.35 4.26 -8.03
CA TYR A 398 -8.67 3.89 -8.51
C TYR A 398 -8.57 3.27 -9.91
N LEU A 399 -7.81 3.90 -10.80
CA LEU A 399 -7.78 3.42 -12.19
C LEU A 399 -7.06 2.08 -12.32
N PHE A 400 -5.93 1.91 -11.61
CA PHE A 400 -5.27 0.61 -11.64
C PHE A 400 -6.17 -0.47 -11.02
N SER A 401 -6.79 -0.17 -9.88
CA SER A 401 -7.63 -1.15 -9.19
C SER A 401 -8.81 -1.61 -10.05
N ARG A 402 -9.40 -0.69 -10.81
CA ARG A 402 -10.55 -1.01 -11.66
C ARG A 402 -10.16 -1.70 -12.98
N TYR A 403 -9.03 -1.32 -13.57
CA TYR A 403 -8.74 -1.72 -14.95
C TYR A 403 -7.51 -2.60 -15.13
N MET A 404 -6.59 -2.64 -14.17
CA MET A 404 -5.39 -3.45 -14.33
C MET A 404 -5.43 -4.73 -13.48
N ARG A 405 -6.51 -4.93 -12.74
CA ARG A 405 -6.73 -6.12 -11.93
C ARG A 405 -7.38 -7.21 -12.78
N ASP A 406 -7.41 -8.43 -12.24
CA ASP A 406 -8.04 -9.57 -12.88
C ASP A 406 -7.58 -9.72 -14.33
N GLY A 407 -6.28 -9.61 -14.53
CA GLY A 407 -5.72 -9.93 -15.83
C GLY A 407 -4.32 -10.44 -15.67
N ILE A 408 -3.64 -10.67 -16.79
CA ILE A 408 -2.26 -11.12 -16.83
C ILE A 408 -1.40 -9.94 -17.28
N ALA A 409 -0.46 -9.56 -16.43
CA ALA A 409 0.57 -8.60 -16.81
C ALA A 409 1.43 -9.19 -17.94
N VAL A 410 1.59 -8.41 -19.00
CA VAL A 410 2.34 -8.85 -20.16
C VAL A 410 3.61 -7.98 -20.34
N ARG A 411 4.58 -8.42 -21.11
CA ARG A 411 5.78 -7.60 -21.27
C ARG A 411 5.61 -6.51 -22.28
N VAL A 412 6.32 -5.44 -22.03
CA VAL A 412 6.39 -4.30 -22.93
C VAL A 412 7.85 -4.02 -23.22
N ALA A 413 8.10 -3.35 -24.34
CA ALA A 413 9.43 -2.88 -24.74
C ALA A 413 9.26 -1.40 -25.08
N LEU A 414 9.90 -0.53 -24.29
CA LEU A 414 9.66 0.92 -24.35
C LEU A 414 10.98 1.63 -24.62
N GLU A 415 11.04 2.37 -25.72
CA GLU A 415 12.14 3.30 -25.99
C GLU A 415 11.69 4.71 -25.62
N SER A 416 12.49 5.41 -24.82
CA SER A 416 12.07 6.71 -24.36
C SER A 416 13.30 7.55 -24.03
N PRO A 417 13.25 8.86 -24.30
CA PRO A 417 14.29 9.77 -23.76
C PRO A 417 14.36 9.64 -22.25
N THR A 418 15.50 10.07 -21.70
CA THR A 418 15.79 9.93 -20.28
C THR A 418 16.00 11.29 -19.60
N PHE A 419 15.82 11.29 -18.28
CA PHE A 419 15.94 12.47 -17.43
C PHE A 419 17.38 12.57 -16.97
N ALA A 420 17.99 13.74 -17.18
CA ALA A 420 19.39 13.96 -16.83
C ALA A 420 19.56 14.61 -15.46
N GLY A 421 18.47 14.90 -14.76
CA GLY A 421 18.50 15.68 -13.54
C GLY A 421 18.80 14.86 -12.30
N GLU A 422 18.71 15.54 -11.15
CA GLU A 422 18.96 14.92 -9.86
C GLU A 422 17.74 14.06 -9.46
N THR A 423 18.02 12.84 -9.02
CA THR A 423 17.01 11.92 -8.54
C THR A 423 17.03 11.89 -7.01
N LEU A 424 15.97 11.32 -6.47
CA LEU A 424 15.82 11.03 -5.04
C LEU A 424 15.25 9.64 -4.91
N PRO A 425 15.96 8.68 -4.30
CA PRO A 425 17.35 8.86 -3.81
C PRO A 425 18.35 9.19 -4.93
N GLN A 426 19.48 9.81 -4.59
CA GLN A 426 20.39 10.21 -5.66
C GLN A 426 20.99 9.01 -6.38
N TRP A 427 21.10 7.85 -5.71
CA TRP A 427 21.77 6.72 -6.33
C TRP A 427 21.02 6.15 -7.55
N ILE A 428 19.73 6.45 -7.72
CA ILE A 428 19.04 5.84 -8.85
C ILE A 428 19.73 6.25 -10.17
N ALA A 429 20.11 7.53 -10.30
CA ALA A 429 20.71 7.98 -11.56
C ALA A 429 22.03 7.25 -11.84
N SER A 430 22.85 7.05 -10.80
CA SER A 430 24.20 6.48 -11.03
C SER A 430 24.19 4.95 -11.08
N VAL A 431 23.48 4.30 -10.13
CA VAL A 431 23.53 2.85 -10.01
C VAL A 431 22.54 2.17 -10.97
N LYS A 432 21.29 2.67 -11.03
CA LYS A 432 20.34 2.06 -11.97
C LYS A 432 20.56 2.60 -13.39
N GLY A 433 20.68 3.90 -13.51
CA GLY A 433 20.69 4.63 -14.79
C GLY A 433 19.68 5.76 -14.80
N ARG A 434 19.79 6.58 -15.83
CA ARG A 434 18.89 7.72 -15.96
C ARG A 434 17.47 7.23 -16.21
N PRO A 435 16.49 7.70 -15.42
CA PRO A 435 15.11 7.20 -15.62
C PRO A 435 14.53 7.65 -16.95
N LYS A 436 13.72 6.77 -17.54
CA LYS A 436 12.99 7.10 -18.74
C LYS A 436 11.84 8.06 -18.44
N ASP A 437 11.65 9.05 -19.32
CA ASP A 437 10.50 9.94 -19.22
C ASP A 437 9.20 9.14 -19.28
N LEU A 438 9.07 8.31 -20.30
CA LEU A 438 7.88 7.46 -20.41
C LEU A 438 8.04 6.24 -19.51
N ASP A 439 6.92 5.71 -19.06
CA ASP A 439 6.90 4.56 -18.16
C ASP A 439 5.58 3.84 -18.38
N ALA A 440 5.62 2.54 -18.67
CA ALA A 440 4.44 1.82 -19.07
C ALA A 440 4.40 0.42 -18.45
N SER A 441 3.18 -0.10 -18.39
CA SER A 441 2.89 -1.49 -18.03
C SER A 441 1.61 -1.87 -18.76
N ALA A 442 1.41 -3.17 -18.94
CA ALA A 442 0.28 -3.67 -19.73
C ALA A 442 -0.32 -4.90 -19.08
N VAL A 443 -1.65 -5.00 -19.16
CA VAL A 443 -2.41 -6.13 -18.63
C VAL A 443 -3.41 -6.60 -19.69
N LEU A 444 -3.33 -7.89 -20.03
CA LEU A 444 -4.31 -8.57 -20.86
C LEU A 444 -5.45 -9.12 -20.01
N HIS A 445 -6.68 -8.76 -20.37
CA HIS A 445 -7.88 -9.05 -19.56
C HIS A 445 -8.88 -9.81 -20.42
N VAL A 446 -9.45 -10.88 -19.85
CA VAL A 446 -10.51 -11.65 -20.50
C VAL A 446 -11.77 -11.50 -19.65
N ASP A 447 -12.86 -11.04 -20.26
CA ASP A 447 -14.15 -10.91 -19.55
C ASP A 447 -14.73 -12.29 -19.28
N PRO A 448 -15.02 -12.67 -18.02
CA PRO A 448 -15.42 -14.07 -17.77
C PRO A 448 -16.79 -14.44 -18.34
N GLY A 449 -17.72 -13.49 -18.45
CA GLY A 449 -19.03 -13.80 -19.00
C GLY A 449 -19.08 -13.93 -20.51
N THR A 450 -18.17 -13.25 -21.22
CA THR A 450 -18.22 -13.19 -22.67
C THR A 450 -16.95 -13.65 -23.37
N SER A 451 -15.84 -13.81 -22.63
CA SER A 451 -14.55 -14.23 -23.18
C SER A 451 -13.93 -13.19 -24.13
N ALA A 452 -14.44 -11.95 -24.06
CA ALA A 452 -13.88 -10.85 -24.82
C ALA A 452 -12.54 -10.42 -24.24
N ARG A 453 -11.60 -10.16 -25.14
CA ARG A 453 -10.20 -9.92 -24.77
C ARG A 453 -9.86 -8.46 -24.98
N SER A 454 -9.31 -7.82 -23.94
CA SER A 454 -8.87 -6.44 -24.01
C SER A 454 -7.46 -6.29 -23.47
N LEU A 455 -6.82 -5.19 -23.85
CA LEU A 455 -5.46 -4.85 -23.44
C LEU A 455 -5.48 -3.48 -22.79
N ARG A 456 -5.10 -3.45 -21.51
CA ARG A 456 -5.06 -2.22 -20.73
C ARG A 456 -3.60 -1.79 -20.60
N VAL A 457 -3.31 -0.59 -21.09
CA VAL A 457 -1.95 -0.06 -21.21
C VAL A 457 -1.89 1.25 -20.43
N ALA A 458 -1.08 1.28 -19.36
CA ALA A 458 -0.98 2.42 -18.44
C ALA A 458 0.32 3.15 -18.69
N VAL A 459 0.24 4.40 -19.16
CA VAL A 459 1.44 5.13 -19.57
C VAL A 459 1.55 6.44 -18.80
N VAL A 460 2.64 6.56 -18.03
CA VAL A 460 3.03 7.81 -17.40
C VAL A 460 4.04 8.50 -18.30
N ASN A 461 3.81 9.78 -18.59
CA ASN A 461 4.86 10.66 -19.13
C ASN A 461 5.34 11.52 -17.96
N ARG A 462 6.51 11.18 -17.42
CA ARG A 462 7.06 11.91 -16.29
C ARG A 462 7.73 13.23 -16.70
N SER A 463 8.03 13.43 -18.00
CA SER A 463 8.71 14.65 -18.40
C SER A 463 7.96 15.90 -17.97
N GLU A 464 8.67 16.84 -17.36
CA GLU A 464 8.02 18.07 -16.91
C GLU A 464 7.62 18.98 -18.08
N HIS A 465 8.24 18.83 -19.27
CA HIS A 465 8.06 19.80 -20.35
C HIS A 465 7.84 19.19 -21.73
N ALA A 466 8.28 17.97 -22.03
CA ALA A 466 8.20 17.40 -23.36
C ALA A 466 6.99 16.49 -23.49
N SER A 467 6.26 16.67 -24.59
CA SER A 467 5.22 15.75 -25.05
C SER A 467 5.85 14.76 -26.03
N TYR A 468 5.23 13.59 -26.15
CA TYR A 468 5.75 12.55 -27.04
C TYR A 468 4.64 11.89 -27.85
N GLU A 469 4.82 11.89 -29.16
CA GLU A 469 4.00 11.08 -30.06
C GLU A 469 4.66 9.71 -30.18
N VAL A 470 3.90 8.65 -29.87
CA VAL A 470 4.46 7.33 -29.65
C VAL A 470 3.70 6.31 -30.51
N PRO A 471 4.36 5.65 -31.45
CA PRO A 471 3.71 4.49 -32.12
C PRO A 471 3.60 3.32 -31.15
N ILE A 472 2.42 2.72 -31.11
CA ILE A 472 2.14 1.61 -30.21
C ILE A 472 1.76 0.41 -31.07
N ARG A 473 2.56 -0.65 -30.97
CA ARG A 473 2.39 -1.85 -31.77
C ARG A 473 2.07 -3.01 -30.83
N ILE A 474 1.06 -3.79 -31.18
CA ILE A 474 0.65 -4.96 -30.39
C ILE A 474 0.99 -6.22 -31.17
N ALA A 475 1.94 -7.01 -30.65
CA ALA A 475 2.42 -8.19 -31.36
C ALA A 475 1.33 -9.26 -31.54
N PHE A 476 1.11 -9.68 -32.78
CA PHE A 476 0.29 -10.82 -33.14
C PHE A 476 -1.20 -10.63 -32.90
N GLU A 477 -1.66 -9.38 -32.71
CA GLU A 477 -3.06 -9.12 -32.39
C GLU A 477 -3.62 -8.03 -33.31
N ARG A 478 -4.87 -8.22 -33.72
CA ARG A 478 -5.65 -7.14 -34.31
C ARG A 478 -6.24 -6.29 -33.18
N VAL A 479 -6.14 -4.97 -33.33
CA VAL A 479 -6.68 -4.03 -32.35
C VAL A 479 -7.99 -3.46 -32.88
N GLY A 480 -9.03 -3.51 -32.04
CA GLY A 480 -10.32 -2.93 -32.36
C GLY A 480 -10.30 -1.46 -32.75
N VAL A 481 -11.34 -1.03 -33.45
CA VAL A 481 -11.38 0.29 -34.06
C VAL A 481 -11.41 1.39 -33.01
N GLN A 482 -12.03 1.13 -31.86
CA GLN A 482 -12.24 2.12 -30.82
C GLN A 482 -11.35 1.87 -29.62
N VAL A 483 -10.84 2.94 -29.04
CA VAL A 483 -10.06 2.87 -27.81
C VAL A 483 -10.70 3.78 -26.78
N GLU A 484 -10.79 3.30 -25.55
CA GLU A 484 -11.28 4.07 -24.41
C GLU A 484 -10.08 4.63 -23.66
N VAL A 485 -10.09 5.94 -23.41
CA VAL A 485 -8.98 6.67 -22.82
C VAL A 485 -9.42 7.17 -21.46
N HIS A 486 -8.62 6.89 -20.44
CA HIS A 486 -8.77 7.45 -19.10
C HIS A 486 -7.53 8.29 -18.87
N GLU A 487 -7.71 9.59 -18.74
CA GLU A 487 -6.60 10.54 -18.77
C GLU A 487 -6.61 11.38 -17.49
N LEU A 488 -5.41 11.60 -16.97
CA LEU A 488 -5.18 12.45 -15.81
C LEU A 488 -4.14 13.47 -16.21
N TRP A 489 -4.49 14.75 -16.10
CA TRP A 489 -3.59 15.81 -16.56
C TRP A 489 -4.06 17.12 -15.94
N HIS A 490 -3.09 17.99 -15.63
CA HIS A 490 -3.35 19.35 -15.18
C HIS A 490 -2.20 20.24 -15.65
N GLN A 491 -2.55 21.48 -16.01
CA GLN A 491 -1.54 22.45 -16.46
C GLN A 491 -0.55 22.77 -15.34
N ASP A 492 -1.03 22.83 -14.09
CA ASP A 492 -0.21 23.18 -12.93
C ASP A 492 0.13 21.90 -12.18
N VAL A 493 1.41 21.52 -12.19
CA VAL A 493 1.84 20.30 -11.52
C VAL A 493 1.69 20.43 -10.02
N HIS A 494 1.55 21.65 -9.50
CA HIS A 494 1.34 21.90 -8.07
C HIS A 494 -0.13 21.93 -7.69
N ALA A 495 -1.04 21.69 -8.64
CA ALA A 495 -2.46 21.67 -8.33
C ALA A 495 -2.81 20.57 -7.35
N ARG A 496 -3.71 20.88 -6.42
CA ARG A 496 -4.13 19.95 -5.37
C ARG A 496 -5.64 19.86 -5.33
N ASN A 497 -6.12 18.75 -4.78
CA ASN A 497 -7.51 18.65 -4.37
C ASN A 497 -7.63 19.10 -2.91
N GLY A 498 -8.80 19.65 -2.58
CA GLY A 498 -9.11 20.06 -1.21
C GLY A 498 -10.59 20.40 -1.08
N TRP A 499 -10.97 20.82 0.14
CA TRP A 499 -12.36 21.19 0.39
C TRP A 499 -12.80 22.36 -0.49
N GLY A 500 -13.93 22.19 -1.17
CA GLY A 500 -14.40 23.17 -2.15
C GLY A 500 -13.78 23.06 -3.52
N LYS A 501 -12.77 22.20 -3.68
CA LYS A 501 -12.01 21.97 -4.90
C LYS A 501 -11.74 20.49 -5.08
N GLU A 502 -12.75 19.66 -4.82
CA GLU A 502 -12.55 18.21 -4.71
C GLU A 502 -12.09 17.60 -6.03
N ASP A 503 -12.55 18.15 -7.16
CA ASP A 503 -12.24 17.59 -8.49
C ASP A 503 -11.32 18.48 -9.31
N GLU A 504 -10.53 19.34 -8.65
CA GLU A 504 -9.44 20.04 -9.33
C GLU A 504 -8.62 19.06 -10.17
N VAL A 505 -8.29 17.90 -9.61
CA VAL A 505 -7.54 16.86 -10.30
C VAL A 505 -8.41 15.62 -10.30
N SER A 506 -8.88 15.21 -11.48
CA SER A 506 -9.82 14.13 -11.61
C SER A 506 -9.66 13.51 -12.98
N VAL A 507 -10.19 12.30 -13.14
CA VAL A 507 -10.08 11.56 -14.39
C VAL A 507 -11.05 12.10 -15.43
N LYS A 508 -10.57 12.31 -16.65
CA LYS A 508 -11.39 12.53 -17.83
C LYS A 508 -11.36 11.27 -18.70
N THR A 509 -12.53 10.79 -19.10
CA THR A 509 -12.67 9.60 -19.92
C THR A 509 -13.30 9.98 -21.25
N ARG A 510 -12.87 9.27 -22.30
CA ARG A 510 -13.45 9.46 -23.63
C ARG A 510 -13.06 8.28 -24.52
N THR A 511 -13.68 8.25 -25.70
CA THR A 511 -13.52 7.19 -26.68
C THR A 511 -12.99 7.83 -27.95
N GLU A 512 -12.00 7.18 -28.56
CA GLU A 512 -11.39 7.69 -29.78
C GLU A 512 -11.17 6.55 -30.75
N ARG A 513 -10.77 6.92 -31.95
CA ARG A 513 -10.46 5.96 -32.99
C ARG A 513 -8.99 5.60 -32.88
N TRP A 514 -8.71 4.31 -32.97
CA TRP A 514 -7.35 3.83 -32.85
C TRP A 514 -6.66 3.88 -34.20
N ASN A 515 -5.50 4.52 -34.26
CA ASN A 515 -4.69 4.57 -35.47
C ASN A 515 -3.25 4.10 -35.20
N GLY A 516 -3.02 3.31 -34.15
CA GLY A 516 -1.71 2.76 -33.85
C GLY A 516 -0.71 3.73 -33.25
N ARG A 517 -1.13 4.93 -32.86
CA ARG A 517 -0.23 5.85 -32.18
C ARG A 517 -1.03 6.66 -31.17
N TRP A 518 -0.30 7.29 -30.25
CA TRP A 518 -0.91 8.11 -29.22
C TRP A 518 0.09 9.19 -28.82
N THR A 519 -0.43 10.34 -28.45
CA THR A 519 0.38 11.45 -27.96
C THR A 519 0.20 11.56 -26.45
N PHE A 520 1.31 11.45 -25.74
CA PHE A 520 1.32 11.49 -24.28
C PHE A 520 1.84 12.85 -23.88
N ARG A 521 0.92 13.73 -23.46
CA ARG A 521 1.22 15.08 -23.04
C ARG A 521 2.32 15.09 -21.98
N GLU A 522 3.04 16.20 -21.85
CA GLU A 522 3.95 16.39 -20.73
C GLU A 522 3.20 16.15 -19.41
N HIS A 523 3.97 15.79 -18.40
CA HIS A 523 3.53 15.48 -17.05
C HIS A 523 2.07 14.94 -17.02
N SER A 524 1.81 13.76 -17.60
CA SER A 524 0.49 13.13 -17.68
C SER A 524 0.44 11.64 -17.36
N PHE A 525 -0.75 11.17 -17.13
CA PHE A 525 -0.96 9.73 -16.99
C PHE A 525 -2.16 9.39 -17.86
N THR A 526 -2.03 8.30 -18.61
CA THR A 526 -3.04 7.88 -19.57
C THR A 526 -3.16 6.37 -19.46
N LEU A 527 -4.37 5.89 -19.23
CA LEU A 527 -4.67 4.46 -19.27
C LEU A 527 -5.54 4.21 -20.51
N LEU A 528 -5.04 3.39 -21.42
CA LEU A 528 -5.72 3.04 -22.67
C LEU A 528 -6.29 1.62 -22.54
N VAL A 529 -7.53 1.47 -22.99
CA VAL A 529 -8.24 0.19 -23.01
C VAL A 529 -8.50 -0.16 -24.47
N LEU A 530 -7.77 -1.15 -24.97
CA LEU A 530 -7.85 -1.59 -26.37
C LEU A 530 -8.59 -2.91 -26.47
N GLU A 531 -9.51 -3.01 -27.44
CA GLU A 531 -10.13 -4.31 -27.71
C GLU A 531 -9.21 -5.18 -28.56
N LEU A 532 -9.28 -6.50 -28.33
CA LEU A 532 -8.57 -7.49 -29.13
C LEU A 532 -9.61 -8.44 -29.72
N PRO A 533 -10.09 -8.19 -30.94
CA PRO A 533 -11.04 -9.13 -31.57
C PRO A 533 -10.37 -10.44 -31.97
N GLN A 534 -11.08 -11.53 -31.72
CA GLN A 534 -10.55 -12.89 -31.87
C GLN A 534 -10.39 -13.30 -33.34
#